data_4XC5
#
_entry.id   4XC5
#
_cell.length_a   112.930
_cell.length_b   112.960
_cell.length_c   113.220
_cell.angle_alpha   90.00
_cell.angle_beta   90.00
_cell.angle_gamma   90.00
#
_symmetry.space_group_name_H-M   'I 21 21 21'
#
loop_
_entity.id
_entity.type
_entity.pdbx_description
1 polymer 'Outer capsid protein sigma-1'
2 non-polymer 'CHLORIDE ION'
3 non-polymer 'MAGNESIUM ION'
4 non-polymer 'ACETATE ION'
5 non-polymer GLYCEROL
6 water water
#
_entity_poly.entity_id   1
_entity_poly.type   'polypeptide(L)'
_entity_poly.pdbx_seq_one_letter_code
;HHHHHHGSSNSGKQIEDKIEEILSKIYHIENEIARIKKLIGEGSGRGVLNQGVTSLPTYRYPLELDTANNRVQVADRFGM
RTGTWTGQLQYQHPQLSWRANVTLNLMKVDDWLVLSFSQMTTNSIMADGKFVINFVSGLSSGWQTGDTEPSSTIDPLSTT
FAAVQFLNNGQRIDAFRIMGVSEWTDGELEIKNYGGTYTGHTQVYWAPWTIMYPCNVR
;
_entity_poly.pdbx_strand_id   A,B,C
#
# COMPACT_ATOMS: atom_id res chain seq x y z
N SER A 55 -9.82 16.87 -38.86
CA SER A 55 -10.87 17.29 -37.94
C SER A 55 -10.44 17.05 -36.49
N LEU A 56 -10.68 18.06 -35.60
CA LEU A 56 -10.29 18.03 -34.18
C LEU A 56 -10.92 16.89 -33.37
N PRO A 57 -10.09 16.10 -32.63
CA PRO A 57 -10.66 14.97 -31.86
C PRO A 57 -11.40 15.40 -30.61
N THR A 58 -12.22 14.49 -30.05
CA THR A 58 -12.85 14.70 -28.75
C THR A 58 -11.95 13.98 -27.72
N TYR A 59 -12.29 14.06 -26.44
CA TYR A 59 -11.45 13.49 -25.38
C TYR A 59 -12.29 12.66 -24.45
N ARG A 60 -11.80 11.48 -24.08
CA ARG A 60 -12.51 10.59 -23.20
C ARG A 60 -11.93 10.70 -21.80
N TYR A 61 -12.82 10.78 -20.78
CA TYR A 61 -12.48 10.83 -19.36
C TYR A 61 -11.42 9.75 -19.03
N PRO A 62 -10.33 10.04 -18.31
CA PRO A 62 -10.00 11.26 -17.54
C PRO A 62 -9.49 12.48 -18.30
N LEU A 63 -9.23 12.34 -19.60
CA LEU A 63 -8.80 13.49 -20.41
C LEU A 63 -10.01 14.37 -20.65
N GLU A 64 -9.80 15.66 -20.69
CA GLU A 64 -10.89 16.61 -20.96
C GLU A 64 -10.37 17.87 -21.58
N LEU A 65 -11.22 18.56 -22.35
CA LEU A 65 -10.84 19.84 -22.93
C LEU A 65 -11.47 20.97 -22.09
N ASP A 66 -10.65 21.87 -21.55
CA ASP A 66 -11.12 23.05 -20.83
C ASP A 66 -11.36 24.09 -21.97
N THR A 67 -12.62 24.26 -22.40
CA THR A 67 -12.97 25.15 -23.51
C THR A 67 -12.68 26.65 -23.27
N ALA A 68 -12.73 27.11 -22.01
CA ALA A 68 -12.46 28.51 -21.63
C ALA A 68 -11.05 28.92 -21.99
N ASN A 69 -10.08 28.04 -21.76
CA ASN A 69 -8.66 28.31 -22.04
C ASN A 69 -8.14 27.50 -23.23
N ASN A 70 -9.01 26.72 -23.93
CA ASN A 70 -8.67 25.81 -25.06
C ASN A 70 -7.43 24.95 -24.64
N ARG A 71 -7.58 24.21 -23.54
CA ARG A 71 -6.47 23.44 -22.98
C ARG A 71 -6.95 22.05 -22.62
N VAL A 72 -6.20 21.06 -23.06
CA VAL A 72 -6.44 19.64 -22.79
C VAL A 72 -5.78 19.34 -21.44
N GLN A 73 -6.48 18.65 -20.57
CA GLN A 73 -5.92 18.34 -19.25
C GLN A 73 -6.44 16.99 -18.73
N VAL A 74 -5.89 16.49 -17.63
CA VAL A 74 -6.41 15.30 -16.96
C VAL A 74 -7.41 15.88 -15.96
N ALA A 75 -8.62 15.34 -15.88
CA ALA A 75 -9.63 15.86 -14.94
C ALA A 75 -9.09 15.85 -13.48
N ASP A 76 -9.41 16.88 -12.70
CA ASP A 76 -9.00 16.99 -11.29
C ASP A 76 -9.60 15.84 -10.45
N ARG A 77 -10.83 15.38 -10.79
CA ARG A 77 -11.49 14.28 -10.10
C ARG A 77 -10.72 12.97 -10.21
N PHE A 78 -9.90 12.79 -11.29
CA PHE A 78 -9.13 11.56 -11.51
C PHE A 78 -8.16 11.27 -10.37
N GLY A 79 -7.50 12.30 -9.85
CA GLY A 79 -6.55 12.17 -8.76
C GLY A 79 -7.22 11.99 -7.41
N MET A 80 -8.52 12.37 -7.31
CA MET A 80 -9.28 12.26 -6.06
C MET A 80 -10.82 12.38 -6.25
N ARG A 81 -11.55 11.31 -5.91
CA ARG A 81 -13.00 11.32 -5.92
C ARG A 81 -13.44 10.66 -4.61
N THR A 82 -14.12 11.43 -3.75
CA THR A 82 -14.55 10.92 -2.45
C THR A 82 -16.01 10.48 -2.43
N GLY A 83 -16.33 9.65 -1.44
CA GLY A 83 -17.68 9.17 -1.17
C GLY A 83 -17.74 8.48 0.16
N THR A 84 -18.92 7.97 0.51
CA THR A 84 -19.10 7.20 1.74
C THR A 84 -19.99 6.04 1.42
N TRP A 85 -19.86 4.96 2.23
CA TRP A 85 -20.74 3.80 2.17
C TRP A 85 -21.23 3.54 3.58
N THR A 86 -22.53 3.42 3.75
CA THR A 86 -23.14 3.15 5.04
C THR A 86 -23.89 1.84 4.90
N GLY A 87 -23.57 0.89 5.76
CA GLY A 87 -24.23 -0.41 5.72
C GLY A 87 -23.77 -1.30 6.83
N GLN A 88 -23.96 -2.60 6.64
CA GLN A 88 -23.56 -3.58 7.65
C GLN A 88 -22.39 -4.38 7.15
N LEU A 89 -21.31 -4.42 7.94
CA LEU A 89 -20.14 -5.20 7.62
C LEU A 89 -20.54 -6.63 8.05
N GLN A 90 -20.44 -7.62 7.15
CA GLN A 90 -20.81 -8.99 7.48
C GLN A 90 -19.57 -9.83 7.73
N TYR A 91 -19.54 -10.57 8.84
CA TYR A 91 -18.45 -11.51 9.14
C TYR A 91 -19.06 -12.88 8.94
N GLN A 92 -18.32 -13.75 8.23
CA GLN A 92 -18.78 -15.09 7.91
C GLN A 92 -17.74 -16.15 8.20
N HIS A 93 -18.18 -17.17 8.90
CA HIS A 93 -17.41 -18.37 9.25
C HIS A 93 -18.46 -19.48 9.54
N PRO A 94 -18.22 -20.77 9.22
CA PRO A 94 -19.23 -21.80 9.55
C PRO A 94 -19.69 -21.85 11.03
N GLN A 95 -18.82 -21.48 11.99
CA GLN A 95 -19.18 -21.54 13.42
C GLN A 95 -19.67 -20.21 14.02
N LEU A 96 -19.57 -19.10 13.29
CA LEU A 96 -19.85 -17.75 13.78
C LEU A 96 -20.03 -16.78 12.60
N SER A 97 -21.15 -16.07 12.61
CA SER A 97 -21.52 -15.03 11.64
C SER A 97 -22.21 -13.89 12.38
N TRP A 98 -21.95 -12.67 11.94
CA TRP A 98 -22.55 -11.45 12.49
C TRP A 98 -22.56 -10.30 11.49
N ARG A 99 -23.32 -9.24 11.81
CA ARG A 99 -23.46 -8.02 11.01
C ARG A 99 -23.23 -6.83 11.94
N ALA A 100 -22.37 -5.89 11.54
CA ALA A 100 -22.06 -4.71 12.33
C ALA A 100 -22.28 -3.47 11.49
N ASN A 101 -22.98 -2.47 12.05
CA ASN A 101 -23.28 -1.20 11.36
C ASN A 101 -22.01 -0.39 11.24
N VAL A 102 -21.60 -0.05 10.01
CA VAL A 102 -20.40 0.72 9.76
C VAL A 102 -20.63 1.80 8.69
N THR A 103 -19.72 2.80 8.65
CA THR A 103 -19.63 3.85 7.65
C THR A 103 -18.14 3.89 7.22
N LEU A 104 -17.88 3.71 5.91
CA LEU A 104 -16.54 3.75 5.32
C LEU A 104 -16.39 5.00 4.51
N ASN A 105 -15.18 5.55 4.47
CA ASN A 105 -14.89 6.63 3.56
C ASN A 105 -14.27 5.94 2.36
N LEU A 106 -14.58 6.44 1.16
CA LEU A 106 -14.06 5.89 -0.07
C LEU A 106 -13.34 6.96 -0.79
N MET A 107 -12.30 6.55 -1.51
CA MET A 107 -11.59 7.43 -2.41
C MET A 107 -11.04 6.75 -3.63
N LYS A 108 -11.43 7.26 -4.81
CA LYS A 108 -10.92 6.79 -6.10
C LYS A 108 -9.69 7.67 -6.35
N VAL A 109 -8.53 7.06 -6.40
CA VAL A 109 -7.28 7.78 -6.67
C VAL A 109 -6.71 7.13 -7.95
N ASP A 110 -6.70 7.87 -9.07
CA ASP A 110 -6.25 7.31 -10.37
C ASP A 110 -7.01 5.99 -10.63
N ASP A 111 -6.33 4.88 -10.93
CA ASP A 111 -7.05 3.63 -11.16
C ASP A 111 -7.10 2.72 -9.91
N TRP A 112 -7.26 3.32 -8.71
CA TRP A 112 -7.34 2.61 -7.42
C TRP A 112 -8.55 3.04 -6.65
N LEU A 113 -9.11 2.15 -5.85
CA LEU A 113 -10.19 2.50 -4.93
C LEU A 113 -9.64 2.25 -3.53
N VAL A 114 -9.73 3.24 -2.64
CA VAL A 114 -9.27 3.15 -1.26
C VAL A 114 -10.48 3.12 -0.36
N LEU A 115 -10.50 2.16 0.57
CA LEU A 115 -11.54 2.04 1.60
C LEU A 115 -10.86 2.45 2.90
N SER A 116 -11.47 3.38 3.64
CA SER A 116 -10.90 3.88 4.89
C SER A 116 -11.86 3.61 6.04
N PHE A 117 -11.44 2.77 6.98
CA PHE A 117 -12.20 2.37 8.16
C PHE A 117 -11.75 3.18 9.35
N SER A 118 -12.72 3.72 10.09
CA SER A 118 -12.44 4.40 11.36
C SER A 118 -12.39 3.31 12.43
N GLN A 119 -12.05 3.66 13.68
CA GLN A 119 -12.02 2.68 14.76
C GLN A 119 -13.39 1.97 14.90
N MET A 120 -13.39 0.71 15.28
CA MET A 120 -14.64 -0.02 15.48
C MET A 120 -14.51 -1.11 16.53
N THR A 121 -15.62 -1.46 17.15
CA THR A 121 -15.75 -2.50 18.14
C THR A 121 -16.70 -3.51 17.55
N THR A 122 -16.26 -4.74 17.42
CA THR A 122 -17.09 -5.81 16.88
C THR A 122 -17.10 -6.98 17.85
N ASN A 123 -18.02 -7.91 17.64
CA ASN A 123 -18.07 -9.15 18.36
C ASN A 123 -16.80 -9.97 18.02
N SER A 124 -16.57 -11.06 18.77
CA SER A 124 -15.43 -11.95 18.56
C SER A 124 -15.42 -12.57 17.17
N ILE A 125 -14.24 -13.06 16.72
CA ILE A 125 -14.05 -13.67 15.39
C ILE A 125 -13.31 -14.98 15.56
N MET A 126 -13.33 -15.84 14.54
CA MET A 126 -12.57 -17.09 14.55
C MET A 126 -11.12 -16.80 14.09
N ALA A 127 -10.23 -17.81 14.11
CA ALA A 127 -8.82 -17.67 13.69
C ALA A 127 -8.68 -17.11 12.27
N ASP A 128 -9.61 -17.53 11.37
CA ASP A 128 -9.74 -17.03 9.99
C ASP A 128 -11.23 -16.89 9.69
N GLY A 129 -11.55 -16.29 8.55
CA GLY A 129 -12.92 -16.05 8.14
C GLY A 129 -12.98 -15.00 7.06
N LYS A 130 -14.18 -14.53 6.73
CA LYS A 130 -14.29 -13.53 5.69
C LYS A 130 -15.25 -12.43 6.02
N PHE A 131 -14.96 -11.24 5.49
CA PHE A 131 -15.79 -10.06 5.65
C PHE A 131 -16.35 -9.72 4.30
N VAL A 132 -17.62 -9.33 4.28
CA VAL A 132 -18.36 -8.97 3.09
C VAL A 132 -18.94 -7.58 3.28
N ILE A 133 -18.73 -6.69 2.28
CA ILE A 133 -19.27 -5.34 2.19
C ILE A 133 -20.21 -5.37 0.98
N ASN A 134 -21.49 -5.11 1.23
CA ASN A 134 -22.49 -5.12 0.18
C ASN A 134 -22.72 -3.72 -0.32
N PHE A 135 -22.15 -3.40 -1.49
CA PHE A 135 -22.25 -2.08 -2.11
C PHE A 135 -23.54 -1.89 -2.92
N VAL A 136 -24.45 -2.90 -2.91
CA VAL A 136 -25.75 -2.84 -3.60
C VAL A 136 -26.56 -1.64 -3.10
N SER A 137 -26.44 -1.33 -1.79
CA SER A 137 -27.06 -0.12 -1.22
C SER A 137 -26.06 0.57 -0.28
N GLY A 138 -26.31 1.84 0.03
CA GLY A 138 -25.52 2.57 1.01
C GLY A 138 -24.53 3.54 0.46
N LEU A 139 -24.29 3.52 -0.85
CA LEU A 139 -23.32 4.43 -1.44
C LEU A 139 -23.83 5.84 -1.45
N SER A 140 -22.95 6.81 -1.21
CA SER A 140 -23.33 8.22 -1.24
C SER A 140 -23.63 8.66 -2.69
N SER A 141 -24.26 9.82 -2.87
CA SER A 141 -24.69 10.32 -4.18
C SER A 141 -23.55 10.52 -5.15
N GLY A 142 -23.78 10.13 -6.39
CA GLY A 142 -22.78 10.24 -7.44
C GLY A 142 -22.06 8.92 -7.67
N TRP A 143 -22.20 7.99 -6.72
CA TRP A 143 -21.57 6.68 -6.78
C TRP A 143 -22.56 5.63 -7.16
N GLN A 144 -22.14 4.73 -8.04
CA GLN A 144 -22.94 3.60 -8.44
C GLN A 144 -22.22 2.37 -7.92
N THR A 145 -22.96 1.28 -7.73
CA THR A 145 -22.43 0.01 -7.24
C THR A 145 -21.27 -0.48 -8.11
N GLY A 146 -21.42 -0.30 -9.44
CA GLY A 146 -20.43 -0.70 -10.44
C GLY A 146 -19.10 -0.01 -10.29
N ASP A 147 -19.06 1.18 -9.64
CA ASP A 147 -17.85 1.96 -9.40
C ASP A 147 -16.88 1.29 -8.41
N THR A 148 -17.32 0.23 -7.68
CA THR A 148 -16.49 -0.50 -6.71
C THR A 148 -15.94 -1.81 -7.30
N GLU A 149 -16.27 -2.13 -8.56
CA GLU A 149 -15.83 -3.36 -9.20
C GLU A 149 -14.31 -3.35 -9.50
N PRO A 150 -13.56 -4.38 -9.03
CA PRO A 150 -12.11 -4.44 -9.31
C PRO A 150 -11.84 -4.60 -10.80
N SER A 151 -10.65 -4.20 -11.26
CA SER A 151 -10.31 -4.28 -12.68
C SER A 151 -9.60 -5.56 -13.07
N SER A 152 -9.50 -6.50 -12.12
CA SER A 152 -8.85 -7.81 -12.33
C SER A 152 -9.51 -8.81 -11.44
N THR A 153 -9.37 -10.09 -11.77
CA THR A 153 -9.88 -11.23 -10.97
C THR A 153 -8.72 -11.93 -10.24
N ILE A 154 -7.50 -11.35 -10.28
CA ILE A 154 -6.37 -11.94 -9.53
C ILE A 154 -6.72 -11.97 -8.02
N ASP A 155 -6.34 -13.03 -7.30
CA ASP A 155 -6.65 -13.20 -5.88
C ASP A 155 -5.36 -13.60 -5.11
N PRO A 156 -4.87 -12.80 -4.14
CA PRO A 156 -5.42 -11.51 -3.67
C PRO A 156 -5.04 -10.35 -4.59
N LEU A 157 -5.93 -9.35 -4.69
CA LEU A 157 -5.71 -8.13 -5.44
C LEU A 157 -4.83 -7.24 -4.62
N SER A 158 -5.00 -7.30 -3.30
CA SER A 158 -4.29 -6.47 -2.35
C SER A 158 -4.40 -7.05 -0.96
N THR A 159 -3.35 -6.88 -0.15
CA THR A 159 -3.38 -7.30 1.23
C THR A 159 -2.92 -6.16 2.09
N THR A 160 -3.45 -6.12 3.30
CA THR A 160 -3.08 -5.16 4.33
C THR A 160 -3.25 -5.79 5.70
N PHE A 161 -2.75 -5.10 6.70
CA PHE A 161 -2.82 -5.54 8.08
C PHE A 161 -3.70 -4.58 8.84
N ALA A 162 -4.47 -5.10 9.74
CA ALA A 162 -5.34 -4.31 10.61
C ALA A 162 -4.82 -4.60 12.01
N ALA A 163 -4.66 -3.56 12.82
CA ALA A 163 -4.22 -3.69 14.21
C ALA A 163 -5.45 -3.81 15.07
N VAL A 164 -5.46 -4.80 15.95
CA VAL A 164 -6.61 -5.05 16.83
C VAL A 164 -6.18 -5.24 18.28
N GLN A 165 -7.15 -5.19 19.15
CA GLN A 165 -7.01 -5.58 20.55
C GLN A 165 -8.10 -6.62 20.77
N PHE A 166 -7.71 -7.82 21.19
CA PHE A 166 -8.66 -8.86 21.55
C PHE A 166 -8.96 -8.66 23.05
N LEU A 167 -10.25 -8.50 23.40
CA LEU A 167 -10.65 -8.31 24.81
C LEU A 167 -11.04 -9.67 25.38
N ASN A 168 -10.31 -10.10 26.42
CA ASN A 168 -10.51 -11.38 27.11
C ASN A 168 -10.50 -11.17 28.63
N ASN A 169 -11.62 -11.49 29.30
CA ASN A 169 -11.84 -11.24 30.75
C ASN A 169 -11.96 -9.72 30.80
N GLY A 170 -10.93 -9.04 31.30
CA GLY A 170 -10.87 -7.58 31.31
C GLY A 170 -9.61 -7.07 30.64
N GLN A 171 -8.78 -8.00 30.16
CA GLN A 171 -7.48 -7.70 29.53
C GLN A 171 -7.56 -7.47 28.01
N ARG A 172 -6.78 -6.49 27.52
CA ARG A 172 -6.69 -6.13 26.10
C ARG A 172 -5.40 -6.74 25.51
N ILE A 173 -5.53 -7.61 24.52
CA ILE A 173 -4.37 -8.27 23.90
C ILE A 173 -4.16 -7.72 22.48
N ASP A 174 -3.06 -6.93 22.28
CA ASP A 174 -2.70 -6.37 20.98
C ASP A 174 -2.35 -7.49 20.00
N ALA A 175 -2.84 -7.41 18.77
CA ALA A 175 -2.61 -8.41 17.75
C ALA A 175 -2.84 -7.79 16.37
N PHE A 176 -2.67 -8.60 15.33
CA PHE A 176 -2.89 -8.13 13.97
C PHE A 176 -3.74 -9.15 13.24
N ARG A 177 -4.33 -8.68 12.14
CA ARG A 177 -5.17 -9.43 11.23
C ARG A 177 -4.69 -9.08 9.83
N ILE A 178 -4.42 -10.09 9.01
CA ILE A 178 -4.07 -9.89 7.60
C ILE A 178 -5.40 -9.96 6.83
N MET A 179 -5.68 -8.95 6.01
CA MET A 179 -6.92 -8.84 5.22
C MET A 179 -6.54 -8.79 3.71
N GLY A 180 -7.21 -9.60 2.92
CA GLY A 180 -6.95 -9.63 1.48
C GLY A 180 -8.21 -9.36 0.68
N VAL A 181 -8.15 -8.45 -0.31
CA VAL A 181 -9.29 -8.19 -1.21
C VAL A 181 -9.24 -9.42 -2.13
N SER A 182 -10.30 -10.20 -2.11
CA SER A 182 -10.33 -11.49 -2.73
C SER A 182 -11.32 -11.67 -3.86
N GLU A 183 -12.50 -11.02 -3.78
CA GLU A 183 -13.58 -11.22 -4.76
C GLU A 183 -14.64 -10.12 -4.74
N TRP A 184 -15.27 -9.92 -5.88
CA TRP A 184 -16.39 -8.99 -6.01
C TRP A 184 -17.44 -9.73 -6.83
N THR A 185 -18.65 -9.83 -6.32
CA THR A 185 -19.72 -10.54 -7.02
C THR A 185 -20.99 -9.74 -6.89
N ASP A 186 -21.50 -9.23 -8.02
CA ASP A 186 -22.75 -8.44 -8.10
C ASP A 186 -22.88 -7.39 -6.98
N GLY A 187 -21.84 -6.56 -6.83
CA GLY A 187 -21.85 -5.52 -5.80
C GLY A 187 -21.34 -5.89 -4.42
N GLU A 188 -21.07 -7.17 -4.15
CA GLU A 188 -20.60 -7.65 -2.85
C GLU A 188 -19.09 -7.89 -2.85
N LEU A 189 -18.36 -7.07 -2.09
CA LEU A 189 -16.90 -7.20 -1.99
C LEU A 189 -16.53 -8.15 -0.83
N GLU A 190 -15.69 -9.14 -1.13
CA GLU A 190 -15.20 -10.11 -0.17
C GLU A 190 -13.76 -9.82 0.24
N ILE A 191 -13.55 -9.62 1.53
CA ILE A 191 -12.25 -9.39 2.12
C ILE A 191 -12.00 -10.58 3.02
N LYS A 192 -11.05 -11.42 2.63
CA LYS A 192 -10.73 -12.59 3.42
C LYS A 192 -9.77 -12.22 4.53
N ASN A 193 -9.99 -12.78 5.72
CA ASN A 193 -9.04 -12.60 6.81
C ASN A 193 -8.33 -13.93 6.95
N TYR A 194 -7.10 -14.04 6.40
CA TYR A 194 -6.32 -15.31 6.39
C TYR A 194 -5.87 -15.77 7.75
N GLY A 195 -5.73 -14.82 8.66
CA GLY A 195 -5.26 -15.08 10.02
C GLY A 195 -4.55 -13.89 10.60
N GLY A 196 -3.46 -14.18 11.32
CA GLY A 196 -2.63 -13.26 12.05
C GLY A 196 -2.47 -13.80 13.46
N THR A 197 -2.08 -12.97 14.40
CA THR A 197 -1.94 -13.39 15.80
C THR A 197 -3.31 -13.52 16.40
N TYR A 198 -3.45 -14.48 17.32
CA TYR A 198 -4.76 -14.83 17.87
C TYR A 198 -4.69 -15.33 19.29
N THR A 199 -5.75 -15.07 20.03
CA THR A 199 -6.00 -15.51 21.39
C THR A 199 -7.52 -15.59 21.57
N GLY A 200 -7.97 -16.43 22.50
CA GLY A 200 -9.38 -16.55 22.86
C GLY A 200 -9.87 -15.22 23.37
N HIS A 201 -11.04 -14.78 22.91
CA HIS A 201 -11.56 -13.44 23.24
C HIS A 201 -13.06 -13.37 23.11
N THR A 202 -13.63 -12.31 23.66
CA THR A 202 -15.06 -12.06 23.68
C THR A 202 -15.45 -10.87 22.75
N GLN A 203 -14.51 -9.98 22.49
CA GLN A 203 -14.78 -8.78 21.71
C GLN A 203 -13.50 -8.29 21.01
N VAL A 204 -13.66 -7.52 19.92
CA VAL A 204 -12.52 -7.01 19.14
C VAL A 204 -12.59 -5.50 19.04
N TYR A 205 -11.50 -4.80 19.37
CA TYR A 205 -11.37 -3.34 19.17
C TYR A 205 -10.42 -3.21 17.96
N TRP A 206 -10.88 -2.61 16.88
CA TRP A 206 -10.10 -2.48 15.64
C TRP A 206 -9.62 -1.05 15.56
N ALA A 207 -8.28 -0.84 15.38
CA ALA A 207 -7.77 0.51 15.19
C ALA A 207 -8.18 0.94 13.72
N PRO A 208 -8.10 2.22 13.31
CA PRO A 208 -8.42 2.55 11.91
C PRO A 208 -7.46 1.88 10.93
N TRP A 209 -7.92 1.62 9.71
CA TRP A 209 -7.11 1.01 8.67
C TRP A 209 -7.64 1.34 7.31
N THR A 210 -6.79 1.29 6.31
CA THR A 210 -7.16 1.49 4.92
C THR A 210 -6.78 0.24 4.13
N ILE A 211 -7.50 -0.01 3.06
CA ILE A 211 -7.18 -1.08 2.13
C ILE A 211 -7.55 -0.49 0.77
N MET A 212 -6.80 -0.86 -0.26
CA MET A 212 -7.09 -0.39 -1.61
C MET A 212 -6.93 -1.48 -2.61
N TYR A 213 -7.54 -1.34 -3.79
CA TYR A 213 -7.40 -2.34 -4.85
C TYR A 213 -7.57 -1.66 -6.22
N PRO A 214 -6.98 -2.26 -7.28
CA PRO A 214 -7.11 -1.68 -8.63
C PRO A 214 -8.58 -1.69 -9.00
N CYS A 215 -9.05 -0.51 -9.38
CA CYS A 215 -10.44 -0.26 -9.73
C CYS A 215 -10.37 0.86 -10.82
N ASN A 216 -10.64 0.51 -12.09
CA ASN A 216 -10.57 1.51 -13.19
C ASN A 216 -11.91 1.83 -13.86
N SER B 55 -0.27 21.43 -37.82
CA SER B 55 -0.38 20.03 -38.17
C SER B 55 -0.70 19.18 -36.93
N LEU B 56 -1.68 18.24 -37.05
CA LEU B 56 -2.17 17.37 -35.98
C LEU B 56 -1.09 16.49 -35.32
N PRO B 57 -0.98 16.53 -33.97
CA PRO B 57 0.05 15.72 -33.29
C PRO B 57 -0.27 14.24 -33.24
N THR B 58 0.75 13.42 -32.94
CA THR B 58 0.58 12.00 -32.68
C THR B 58 0.52 11.86 -31.13
N TYR B 59 0.32 10.66 -30.61
CA TYR B 59 0.14 10.44 -29.16
C TYR B 59 1.02 9.31 -28.71
N ARG B 60 1.69 9.47 -27.59
CA ARG B 60 2.57 8.43 -27.06
C ARG B 60 1.86 7.74 -25.89
N TYR B 61 1.95 6.39 -25.86
CA TYR B 61 1.41 5.51 -24.84
C TYR B 61 1.74 6.07 -23.45
N PRO B 62 0.81 6.16 -22.46
CA PRO B 62 -0.58 5.63 -22.42
C PRO B 62 -1.66 6.41 -23.20
N LEU B 63 -1.33 7.57 -23.75
CA LEU B 63 -2.31 8.31 -24.57
C LEU B 63 -2.43 7.62 -25.91
N GLU B 64 -3.62 7.60 -26.47
CA GLU B 64 -3.84 6.98 -27.76
C GLU B 64 -5.02 7.63 -28.46
N LEU B 65 -5.01 7.60 -29.80
CA LEU B 65 -6.13 8.14 -30.56
C LEU B 65 -7.01 6.94 -31.01
N ASP B 66 -8.29 6.92 -30.63
CA ASP B 66 -9.24 5.90 -31.10
C ASP B 66 -9.73 6.49 -32.46
N THR B 67 -9.19 5.98 -33.57
CA THR B 67 -9.49 6.50 -34.92
C THR B 67 -10.95 6.32 -35.36
N ALA B 68 -11.64 5.27 -34.89
CA ALA B 68 -13.05 4.98 -35.22
C ALA B 68 -13.97 6.09 -34.78
N ASN B 69 -13.73 6.63 -33.57
CA ASN B 69 -14.55 7.71 -33.02
C ASN B 69 -13.82 9.06 -32.97
N ASN B 70 -12.57 9.15 -33.53
CA ASN B 70 -11.69 10.34 -33.52
C ASN B 70 -11.64 10.90 -32.08
N ARG B 71 -11.22 10.06 -31.14
CA ARG B 71 -11.22 10.44 -29.73
C ARG B 71 -9.92 10.06 -29.08
N VAL B 72 -9.33 11.01 -28.37
CA VAL B 72 -8.09 10.82 -27.65
C VAL B 72 -8.46 10.26 -26.28
N GLN B 73 -7.74 9.24 -25.84
CA GLN B 73 -8.06 8.64 -24.54
C GLN B 73 -6.78 8.09 -23.88
N VAL B 74 -6.87 7.67 -22.61
CA VAL B 74 -5.78 6.98 -21.93
C VAL B 74 -6.05 5.50 -22.25
N ALA B 75 -5.06 4.73 -22.67
CA ALA B 75 -5.27 3.31 -22.99
C ALA B 75 -5.89 2.54 -21.78
N ASP B 76 -6.82 1.61 -22.04
CA ASP B 76 -7.45 0.78 -21.01
C ASP B 76 -6.40 -0.11 -20.30
N ARG B 77 -5.36 -0.55 -21.00
CA ARG B 77 -4.27 -1.37 -20.44
C ARG B 77 -3.49 -0.63 -19.38
N PHE B 78 -3.47 0.75 -19.42
CA PHE B 78 -2.74 1.56 -18.44
C PHE B 78 -3.23 1.34 -17.00
N GLY B 79 -4.54 1.20 -16.82
CA GLY B 79 -5.12 0.98 -15.51
C GLY B 79 -4.98 -0.46 -15.02
N MET B 80 -4.71 -1.41 -15.96
CA MET B 80 -4.57 -2.83 -15.65
C MET B 80 -3.95 -3.67 -16.78
N ARG B 81 -2.79 -4.27 -16.50
CA ARG B 81 -2.13 -5.19 -17.41
C ARG B 81 -1.66 -6.34 -16.54
N THR B 82 -2.16 -7.54 -16.84
CA THR B 82 -1.84 -8.71 -16.05
C THR B 82 -0.80 -9.60 -16.72
N GLY B 83 -0.18 -10.46 -15.92
CA GLY B 83 0.78 -11.46 -16.36
C GLY B 83 1.09 -12.42 -15.24
N THR B 84 1.98 -13.38 -15.51
CA THR B 84 2.42 -14.32 -14.47
C THR B 84 3.91 -14.50 -14.60
N TRP B 85 4.56 -14.88 -13.50
CA TRP B 85 5.98 -15.23 -13.46
C TRP B 85 6.07 -16.58 -12.79
N THR B 86 6.74 -17.52 -13.44
CA THR B 86 6.94 -18.86 -12.89
C THR B 86 8.43 -19.06 -12.76
N GLY B 87 8.88 -19.37 -11.57
CA GLY B 87 10.31 -19.58 -11.34
C GLY B 87 10.60 -20.03 -9.94
N GLN B 88 11.82 -19.84 -9.51
CA GLN B 88 12.22 -20.24 -8.18
C GLN B 88 12.47 -19.02 -7.33
N LEU B 89 11.82 -18.94 -6.18
CA LEU B 89 12.01 -17.84 -5.25
C LEU B 89 13.29 -18.25 -4.50
N GLN B 90 14.32 -17.37 -4.47
CA GLN B 90 15.58 -17.68 -3.80
C GLN B 90 15.65 -16.99 -2.47
N TYR B 91 15.97 -17.72 -1.39
CA TYR B 91 16.19 -17.15 -0.08
C TYR B 91 17.68 -17.20 0.14
N GLN B 92 18.25 -16.09 0.64
CA GLN B 92 19.68 -15.94 0.84
C GLN B 92 20.02 -15.38 2.19
N HIS B 93 20.94 -16.07 2.87
CA HIS B 93 21.50 -15.70 4.16
C HIS B 93 22.85 -16.44 4.27
N PRO B 94 23.92 -15.88 4.88
CA PRO B 94 25.18 -16.63 4.98
C PRO B 94 25.09 -18.05 5.59
N GLN B 95 24.13 -18.30 6.52
CA GLN B 95 24.01 -19.60 7.18
C GLN B 95 22.95 -20.54 6.57
N LEU B 96 22.12 -20.04 5.64
CA LEU B 96 21.01 -20.78 5.06
C LEU B 96 20.55 -20.11 3.75
N SER B 97 20.46 -20.91 2.69
CA SER B 97 20.00 -20.54 1.35
C SER B 97 19.18 -21.68 0.78
N TRP B 98 18.12 -21.35 0.08
CA TRP B 98 17.25 -22.32 -0.60
C TRP B 98 16.53 -21.70 -1.81
N ARG B 99 15.90 -22.55 -2.64
CA ARG B 99 15.12 -22.17 -3.83
C ARG B 99 13.78 -22.89 -3.75
N ALA B 100 12.69 -22.18 -3.95
CA ALA B 100 11.34 -22.74 -3.88
C ALA B 100 10.60 -22.39 -5.16
N ASN B 101 9.94 -23.38 -5.76
CA ASN B 101 9.16 -23.20 -6.99
C ASN B 101 7.91 -22.41 -6.70
N VAL B 102 7.75 -21.26 -7.34
CA VAL B 102 6.57 -20.41 -7.13
C VAL B 102 6.02 -19.87 -8.47
N THR B 103 4.76 -19.42 -8.46
CA THR B 103 4.06 -18.71 -9.52
C THR B 103 3.45 -17.46 -8.87
N LEU B 104 3.76 -16.28 -9.42
CA LEU B 104 3.22 -14.99 -8.95
C LEU B 104 2.31 -14.46 -10.00
N ASN B 105 1.32 -13.69 -9.58
CA ASN B 105 0.49 -12.95 -10.51
C ASN B 105 1.06 -11.55 -10.48
N LEU B 106 1.10 -10.92 -11.65
CA LEU B 106 1.63 -9.59 -11.77
C LEU B 106 0.56 -8.70 -12.32
N MET B 107 0.58 -7.45 -11.89
CA MET B 107 -0.29 -6.42 -12.43
C MET B 107 0.33 -5.06 -12.46
N LYS B 108 0.39 -4.50 -13.67
CA LYS B 108 0.85 -3.15 -13.90
C LYS B 108 -0.40 -2.29 -13.74
N VAL B 109 -0.41 -1.43 -12.73
CA VAL B 109 -1.54 -0.53 -12.48
C VAL B 109 -0.95 0.87 -12.57
N ASP B 110 -1.30 1.66 -13.60
CA ASP B 110 -0.74 3.01 -13.80
C ASP B 110 0.79 2.90 -13.76
N ASP B 111 1.47 3.71 -12.95
CA ASP B 111 2.93 3.62 -12.88
C ASP B 111 3.47 2.72 -11.72
N TRP B 112 2.72 1.64 -11.40
CA TRP B 112 3.06 0.69 -10.32
C TRP B 112 3.07 -0.71 -10.84
N LEU B 113 3.87 -1.56 -10.26
CA LEU B 113 3.84 -2.99 -10.56
C LEU B 113 3.51 -3.71 -9.25
N VAL B 114 2.42 -4.51 -9.24
CA VAL B 114 1.95 -5.27 -8.10
C VAL B 114 2.34 -6.74 -8.31
N LEU B 115 2.95 -7.34 -7.28
CA LEU B 115 3.29 -8.78 -7.26
C LEU B 115 2.31 -9.39 -6.27
N SER B 116 1.62 -10.45 -6.67
CA SER B 116 0.61 -11.10 -5.82
C SER B 116 1.01 -12.55 -5.61
N PHE B 117 1.30 -12.91 -4.36
CA PHE B 117 1.70 -14.24 -3.94
C PHE B 117 0.49 -14.97 -3.37
N SER B 118 0.30 -16.22 -3.79
CA SER B 118 -0.70 -17.09 -3.20
C SER B 118 -0.05 -17.75 -1.97
N GLN B 119 -0.80 -18.54 -1.20
CA GLN B 119 -0.26 -19.22 -0.02
C GLN B 119 0.93 -20.10 -0.41
N MET B 120 1.92 -20.22 0.47
CA MET B 120 3.08 -21.07 0.19
C MET B 120 3.69 -21.62 1.45
N THR B 121 4.36 -22.78 1.28
CA THR B 121 5.07 -23.47 2.35
C THR B 121 6.50 -23.50 1.93
N THR B 122 7.37 -22.95 2.75
CA THR B 122 8.80 -22.91 2.45
C THR B 122 9.56 -23.53 3.62
N ASN B 123 10.84 -23.81 3.40
CA ASN B 123 11.75 -24.24 4.43
C ASN B 123 11.92 -23.08 5.43
N SER B 124 12.58 -23.35 6.55
CA SER B 124 12.84 -22.35 7.58
C SER B 124 13.69 -21.18 7.07
N ILE B 125 13.69 -20.06 7.83
CA ILE B 125 14.42 -18.84 7.49
C ILE B 125 15.15 -18.34 8.71
N MET B 126 16.16 -17.48 8.53
CA MET B 126 16.86 -16.86 9.65
C MET B 126 16.06 -15.61 10.12
N ALA B 127 16.51 -14.93 11.20
CA ALA B 127 15.82 -13.75 11.76
C ALA B 127 15.63 -12.65 10.70
N ASP B 128 16.63 -12.49 9.80
CA ASP B 128 16.61 -11.58 8.65
C ASP B 128 17.25 -12.31 7.49
N GLY B 129 17.16 -11.72 6.30
CA GLY B 129 17.70 -12.33 5.09
C GLY B 129 17.13 -11.65 3.87
N LYS B 130 17.38 -12.22 2.70
CA LYS B 130 16.84 -11.61 1.49
C LYS B 130 16.25 -12.61 0.52
N PHE B 131 15.25 -12.18 -0.23
CA PHE B 131 14.60 -12.98 -1.24
C PHE B 131 14.91 -12.35 -2.57
N VAL B 132 15.16 -13.19 -3.58
CA VAL B 132 15.50 -12.79 -4.93
C VAL B 132 14.54 -13.47 -5.90
N ILE B 133 13.93 -12.69 -6.80
CA ILE B 133 13.04 -13.14 -7.88
C ILE B 133 13.82 -12.80 -9.17
N ASN B 134 14.14 -13.82 -9.94
CA ASN B 134 14.89 -13.65 -11.18
C ASN B 134 13.91 -13.60 -12.34
N PHE B 135 13.66 -12.39 -12.83
CA PHE B 135 12.73 -12.16 -13.94
C PHE B 135 13.37 -12.38 -15.32
N VAL B 136 14.64 -12.84 -15.37
CA VAL B 136 15.37 -13.14 -16.62
C VAL B 136 14.61 -14.20 -17.43
N SER B 137 13.95 -15.15 -16.73
CA SER B 137 13.08 -16.13 -17.39
C SER B 137 11.80 -16.30 -16.55
N GLY B 138 10.78 -16.92 -17.14
CA GLY B 138 9.54 -17.24 -16.46
C GLY B 138 8.39 -16.30 -16.69
N LEU B 139 8.62 -15.14 -17.33
CA LEU B 139 7.53 -14.17 -17.57
C LEU B 139 6.60 -14.67 -18.61
N SER B 140 5.31 -14.43 -18.41
CA SER B 140 4.29 -14.84 -19.37
C SER B 140 4.40 -13.98 -20.67
N SER B 141 3.75 -14.40 -21.76
CA SER B 141 3.82 -13.73 -23.07
C SER B 141 3.36 -12.29 -23.03
N GLY B 142 4.08 -11.42 -23.72
CA GLY B 142 3.78 -10.00 -23.76
C GLY B 142 4.63 -9.22 -22.79
N TRP B 143 5.28 -9.92 -21.85
CA TRP B 143 6.10 -9.30 -20.82
C TRP B 143 7.55 -9.50 -21.12
N GLN B 144 8.33 -8.45 -20.91
CA GLN B 144 9.77 -8.52 -21.07
C GLN B 144 10.35 -8.29 -19.70
N THR B 145 11.58 -8.79 -19.48
CA THR B 145 12.29 -8.65 -18.22
C THR B 145 12.39 -7.18 -17.77
N GLY B 146 12.63 -6.30 -18.74
CA GLY B 146 12.75 -4.85 -18.54
C GLY B 146 11.51 -4.21 -17.97
N ASP B 147 10.32 -4.83 -18.18
CA ASP B 147 9.04 -4.34 -17.67
C ASP B 147 8.92 -4.39 -16.15
N THR B 148 9.84 -5.11 -15.44
CA THR B 148 9.81 -5.23 -13.97
C THR B 148 10.82 -4.26 -13.30
N GLU B 149 11.56 -3.48 -14.11
CA GLU B 149 12.56 -2.54 -13.58
C GLU B 149 11.91 -1.36 -12.82
N PRO B 150 12.30 -1.10 -11.56
CA PRO B 150 11.75 0.03 -10.79
C PRO B 150 12.10 1.37 -11.44
N SER B 151 11.34 2.42 -11.13
CA SER B 151 11.58 3.73 -11.73
C SER B 151 12.44 4.63 -10.89
N SER B 152 12.98 4.10 -9.78
CA SER B 152 13.83 4.84 -8.85
C SER B 152 14.78 3.85 -8.20
N THR B 153 15.91 4.35 -7.68
CA THR B 153 16.90 3.57 -6.92
C THR B 153 16.77 3.81 -5.40
N ILE B 154 15.72 4.56 -4.96
CA ILE B 154 15.50 4.78 -3.53
C ILE B 154 15.30 3.41 -2.82
N ASP B 155 15.86 3.24 -1.63
CA ASP B 155 15.79 2.01 -0.87
C ASP B 155 15.32 2.29 0.60
N PRO B 156 14.18 1.75 1.06
CA PRO B 156 13.23 0.87 0.33
C PRO B 156 12.29 1.66 -0.58
N LEU B 157 11.89 1.04 -1.69
CA LEU B 157 10.95 1.61 -2.63
C LEU B 157 9.57 1.42 -2.05
N SER B 158 9.38 0.31 -1.35
CA SER B 158 8.10 -0.07 -0.76
C SER B 158 8.31 -1.13 0.30
N THR B 159 7.48 -1.08 1.35
CA THR B 159 7.51 -2.13 2.38
C THR B 159 6.11 -2.66 2.58
N THR B 160 6.03 -3.94 2.90
CA THR B 160 4.79 -4.60 3.27
C THR B 160 5.05 -5.67 4.32
N PHE B 161 3.99 -6.21 4.87
CA PHE B 161 4.04 -7.24 5.88
C PHE B 161 3.45 -8.50 5.28
N ALA B 162 4.04 -9.62 5.63
CA ALA B 162 3.56 -10.93 5.21
C ALA B 162 3.22 -11.62 6.53
N ALA B 163 2.03 -12.27 6.61
CA ALA B 163 1.61 -13.04 7.76
C ALA B 163 2.11 -14.47 7.56
N VAL B 164 2.76 -15.03 8.58
CA VAL B 164 3.28 -16.39 8.53
C VAL B 164 2.90 -17.19 9.75
N GLN B 165 3.09 -18.49 9.65
CA GLN B 165 3.02 -19.41 10.78
C GLN B 165 4.34 -20.14 10.76
N PHE B 166 5.08 -20.06 11.86
CA PHE B 166 6.32 -20.81 12.02
C PHE B 166 5.93 -22.19 12.64
N LEU B 167 6.28 -23.30 11.99
CA LEU B 167 6.00 -24.66 12.44
C LEU B 167 7.18 -25.15 13.27
N ASN B 168 6.91 -25.50 14.53
CA ASN B 168 7.97 -25.98 15.41
C ASN B 168 7.60 -27.38 15.96
N ASN B 169 7.61 -28.38 15.02
CA ASN B 169 7.26 -29.78 15.25
C ASN B 169 5.87 -29.87 15.91
N GLY B 170 4.85 -29.85 15.06
CA GLY B 170 3.46 -29.91 15.49
C GLY B 170 2.80 -28.58 15.75
N GLN B 171 3.48 -27.67 16.50
CA GLN B 171 2.89 -26.36 16.82
C GLN B 171 3.04 -25.27 15.75
N ARG B 172 1.96 -24.51 15.49
CA ARG B 172 1.95 -23.42 14.52
C ARG B 172 2.01 -22.08 15.29
N ILE B 173 3.06 -21.28 15.06
CA ILE B 173 3.23 -19.99 15.76
C ILE B 173 3.02 -18.84 14.78
N ASP B 174 1.89 -18.09 14.94
CA ASP B 174 1.55 -16.93 14.11
C ASP B 174 2.56 -15.81 14.33
N ALA B 175 3.03 -15.21 13.23
CA ALA B 175 4.03 -14.15 13.28
C ALA B 175 3.94 -13.31 12.00
N PHE B 176 4.81 -12.30 11.88
CA PHE B 176 4.85 -11.47 10.68
C PHE B 176 6.27 -11.31 10.25
N ARG B 177 6.43 -10.91 8.99
CA ARG B 177 7.68 -10.64 8.31
C ARG B 177 7.50 -9.31 7.59
N ILE B 178 8.44 -8.37 7.81
CA ILE B 178 8.44 -7.12 7.07
C ILE B 178 9.33 -7.37 5.80
N MET B 179 8.81 -7.03 4.64
CA MET B 179 9.50 -7.22 3.34
C MET B 179 9.64 -5.84 2.67
N GLY B 180 10.85 -5.52 2.20
CA GLY B 180 11.10 -4.27 1.50
C GLY B 180 11.65 -4.49 0.11
N VAL B 181 11.10 -3.83 -0.91
CA VAL B 181 11.63 -3.89 -2.29
C VAL B 181 12.87 -3.01 -2.20
N SER B 182 14.02 -3.62 -2.42
CA SER B 182 15.28 -2.96 -2.17
C SER B 182 16.17 -2.67 -3.37
N GLU B 183 16.16 -3.55 -4.39
CA GLU B 183 17.07 -3.42 -5.53
C GLU B 183 16.61 -4.24 -6.72
N TRP B 184 17.09 -3.87 -7.91
CA TRP B 184 16.84 -4.60 -9.15
C TRP B 184 18.14 -4.54 -9.93
N THR B 185 18.68 -5.69 -10.31
CA THR B 185 19.94 -5.74 -11.02
C THR B 185 19.82 -6.74 -12.14
N ASP B 186 19.89 -6.27 -13.39
CA ASP B 186 19.83 -7.09 -14.61
C ASP B 186 18.73 -8.16 -14.55
N GLY B 187 17.51 -7.74 -14.24
CA GLY B 187 16.38 -8.66 -14.16
C GLY B 187 16.11 -9.33 -12.82
N GLU B 188 17.02 -9.20 -11.85
CA GLU B 188 16.89 -9.83 -10.53
C GLU B 188 16.37 -8.84 -9.48
N LEU B 189 15.16 -9.07 -8.98
CA LEU B 189 14.56 -8.22 -7.96
C LEU B 189 14.91 -8.74 -6.56
N GLU B 190 15.37 -7.86 -5.70
CA GLU B 190 15.74 -8.16 -4.32
C GLU B 190 14.73 -7.58 -3.32
N ILE B 191 14.16 -8.48 -2.55
CA ILE B 191 13.23 -8.14 -1.50
C ILE B 191 13.90 -8.51 -0.20
N LYS B 192 14.23 -7.51 0.59
CA LYS B 192 14.90 -7.74 1.84
C LYS B 192 13.89 -8.05 2.92
N ASN B 193 14.18 -9.01 3.78
CA ASN B 193 13.31 -9.27 4.92
C ASN B 193 14.07 -8.76 6.12
N TYR B 194 13.71 -7.56 6.61
CA TYR B 194 14.44 -6.88 7.72
C TYR B 194 14.28 -7.60 9.05
N GLY B 195 13.16 -8.30 9.21
CA GLY B 195 12.83 -9.01 10.44
C GLY B 195 11.34 -9.18 10.61
N GLY B 196 10.90 -9.02 11.84
CA GLY B 196 9.55 -9.19 12.32
C GLY B 196 9.58 -10.08 13.55
N THR B 197 8.46 -10.67 13.91
CA THR B 197 8.41 -11.57 15.06
C THR B 197 9.03 -12.89 14.64
N TYR B 198 9.68 -13.55 15.59
CA TYR B 198 10.46 -14.74 15.30
C TYR B 198 10.49 -15.74 16.43
N THR B 199 10.61 -17.01 16.07
CA THR B 199 10.75 -18.16 16.96
C THR B 199 11.48 -19.23 16.17
N GLY B 200 12.18 -20.11 16.87
CA GLY B 200 12.85 -21.26 16.26
C GLY B 200 11.82 -22.11 15.56
N HIS B 201 12.12 -22.54 14.34
CA HIS B 201 11.11 -23.28 13.57
C HIS B 201 11.77 -24.17 12.53
N THR B 202 11.01 -25.11 11.98
CA THR B 202 11.48 -26.06 11.00
C THR B 202 10.89 -25.80 9.59
N GLN B 203 9.81 -25.02 9.51
CA GLN B 203 9.08 -24.77 8.26
C GLN B 203 8.22 -23.50 8.39
N VAL B 204 7.90 -22.87 7.24
CA VAL B 204 7.13 -21.62 7.24
C VAL B 204 5.90 -21.78 6.36
N TYR B 205 4.72 -21.42 6.87
CA TYR B 205 3.48 -21.38 6.10
C TYR B 205 3.20 -19.87 5.91
N TRP B 206 3.17 -19.42 4.65
CA TRP B 206 3.01 -17.98 4.34
C TRP B 206 1.59 -17.80 3.86
N ALA B 207 0.83 -16.84 4.43
CA ALA B 207 -0.51 -16.55 3.94
C ALA B 207 -0.33 -15.75 2.60
N PRO B 208 -1.36 -15.57 1.74
CA PRO B 208 -1.16 -14.74 0.53
C PRO B 208 -0.79 -13.29 0.89
N TRP B 209 -0.04 -12.63 0.01
CA TRP B 209 0.38 -11.24 0.22
C TRP B 209 0.67 -10.58 -1.10
N THR B 210 0.55 -9.27 -1.13
CA THR B 210 0.90 -8.48 -2.29
C THR B 210 1.98 -7.49 -1.87
N ILE B 211 2.79 -7.08 -2.82
CA ILE B 211 3.78 -6.03 -2.63
C ILE B 211 3.79 -5.30 -3.97
N MET B 212 3.98 -3.98 -3.95
CA MET B 212 4.06 -3.19 -5.16
C MET B 212 5.16 -2.18 -5.09
N TYR B 213 5.62 -1.70 -6.25
CA TYR B 213 6.68 -0.68 -6.30
C TYR B 213 6.51 0.17 -7.57
N PRO B 214 7.03 1.42 -7.53
CA PRO B 214 6.91 2.29 -8.71
C PRO B 214 7.70 1.65 -9.84
N CYS B 215 7.09 1.51 -10.97
CA CYS B 215 7.73 0.83 -12.08
C CYS B 215 7.45 1.58 -13.38
N SER C 55 -8.78 26.13 -33.59
CA SER C 55 -7.44 26.49 -33.13
C SER C 55 -6.87 25.38 -32.23
N LEU C 56 -5.57 25.01 -32.44
CA LEU C 56 -4.88 23.94 -31.70
C LEU C 56 -4.76 24.20 -30.20
N PRO C 57 -5.16 23.22 -29.35
CA PRO C 57 -5.11 23.45 -27.89
C PRO C 57 -3.71 23.39 -27.30
N THR C 58 -3.57 23.91 -26.07
CA THR C 58 -2.35 23.78 -25.28
C THR C 58 -2.60 22.59 -24.34
N TYR C 59 -1.61 22.21 -23.53
CA TYR C 59 -1.71 21.03 -22.67
C TYR C 59 -1.31 21.38 -21.27
N ARG C 60 -2.05 20.90 -20.29
CA ARG C 60 -1.73 21.17 -18.89
C ARG C 60 -1.07 19.94 -18.28
N TYR C 61 0.04 20.17 -17.53
CA TYR C 61 0.79 19.15 -16.79
C TYR C 61 -0.19 18.20 -16.05
N PRO C 62 -0.06 16.86 -16.05
CA PRO C 62 1.01 16.02 -16.63
C PRO C 62 1.04 15.81 -18.14
N LEU C 63 0.08 16.34 -18.90
CA LEU C 63 0.12 16.24 -20.35
C LEU C 63 1.10 17.29 -20.88
N GLU C 64 1.78 16.98 -21.96
CA GLU C 64 2.73 17.90 -22.56
C GLU C 64 2.90 17.60 -24.03
N LEU C 65 3.26 18.61 -24.81
CA LEU C 65 3.52 18.43 -26.22
C LEU C 65 5.05 18.38 -26.43
N ASP C 66 5.57 17.28 -26.99
CA ASP C 66 6.98 17.17 -27.34
C ASP C 66 7.03 17.82 -28.76
N THR C 67 7.50 19.08 -28.83
CA THR C 67 7.54 19.85 -30.08
C THR C 67 8.47 19.28 -31.16
N ALA C 68 9.57 18.61 -30.77
CA ALA C 68 10.55 18.00 -31.67
C ALA C 68 9.94 16.94 -32.55
N ASN C 69 9.07 16.11 -31.97
CA ASN C 69 8.40 15.02 -32.70
C ASN C 69 6.91 15.29 -32.91
N ASN C 70 6.38 16.49 -32.51
CA ASN C 70 4.95 16.86 -32.56
C ASN C 70 4.10 15.72 -31.96
N ARG C 71 4.38 15.40 -30.71
CA ARG C 71 3.73 14.27 -30.05
C ARG C 71 3.29 14.66 -28.66
N VAL C 72 2.04 14.36 -28.35
CA VAL C 72 1.43 14.62 -27.05
C VAL C 72 1.76 13.41 -26.16
N GLN C 73 2.19 13.67 -24.96
CA GLN C 73 2.53 12.57 -24.06
C GLN C 73 2.25 12.93 -22.60
N VAL C 74 2.35 11.96 -21.70
CA VAL C 74 2.23 12.22 -20.25
C VAL C 74 3.70 12.48 -19.87
N ALA C 75 3.97 13.54 -19.10
CA ALA C 75 5.37 13.83 -18.70
C ALA C 75 5.99 12.63 -17.96
N ASP C 76 7.28 12.35 -18.22
CA ASP C 76 8.01 11.25 -17.55
C ASP C 76 8.10 11.50 -16.03
N ARG C 77 8.15 12.76 -15.58
CA ARG C 77 8.19 13.13 -14.16
C ARG C 77 6.94 12.69 -13.41
N PHE C 78 5.78 12.58 -14.11
CA PHE C 78 4.50 12.16 -13.50
C PHE C 78 4.58 10.78 -12.85
N GLY C 79 5.24 9.84 -13.50
CA GLY C 79 5.40 8.48 -12.97
C GLY C 79 6.44 8.38 -11.86
N MET C 80 7.36 9.39 -11.77
CA MET C 80 8.41 9.42 -10.77
C MET C 80 9.10 10.78 -10.60
N ARG C 81 9.00 11.35 -9.40
CA ARG C 81 9.70 12.59 -9.12
C ARG C 81 10.23 12.42 -7.70
N THR C 82 11.56 12.45 -7.55
CA THR C 82 12.23 12.21 -6.28
C THR C 82 12.66 13.48 -5.58
N GLY C 83 12.92 13.37 -4.28
CA GLY C 83 13.40 14.44 -3.43
C GLY C 83 13.80 13.89 -2.08
N THR C 84 14.26 14.77 -1.20
CA THR C 84 14.61 14.40 0.17
C THR C 84 14.09 15.46 1.09
N TRP C 85 13.87 15.08 2.35
CA TRP C 85 13.48 16.00 3.43
C TRP C 85 14.42 15.73 4.58
N THR C 86 15.07 16.77 5.09
CA THR C 86 15.96 16.64 6.22
C THR C 86 15.39 17.51 7.33
N GLY C 87 15.14 16.92 8.49
CA GLY C 87 14.60 17.66 9.61
C GLY C 87 14.52 16.83 10.86
N GLN C 88 13.69 17.26 11.77
CA GLN C 88 13.50 16.54 13.03
C GLN C 88 12.14 15.89 13.07
N LEU C 89 12.10 14.59 13.30
CA LEU C 89 10.86 13.85 13.41
C LEU C 89 10.42 14.15 14.85
N GLN C 90 9.19 14.64 15.06
CA GLN C 90 8.69 14.97 16.38
C GLN C 90 7.75 13.89 16.87
N TYR C 91 7.94 13.40 18.10
CA TYR C 91 7.03 12.46 18.72
C TYR C 91 6.32 13.23 19.79
N GLN C 92 4.99 13.09 19.87
CA GLN C 92 4.14 13.81 20.80
C GLN C 92 3.17 12.92 21.52
N HIS C 93 3.16 13.08 22.84
CA HIS C 93 2.27 12.39 23.78
C HIS C 93 2.24 13.26 25.06
N PRO C 94 1.11 13.38 25.79
CA PRO C 94 1.13 14.20 27.03
C PRO C 94 2.23 13.86 28.05
N GLN C 95 2.66 12.60 28.14
CA GLN C 95 3.67 12.18 29.13
C GLN C 95 5.11 12.12 28.62
N LEU C 96 5.31 12.25 27.28
CA LEU C 96 6.60 12.07 26.62
C LEU C 96 6.56 12.67 25.21
N SER C 97 7.54 13.53 24.93
CA SER C 97 7.75 14.20 23.66
C SER C 97 9.25 14.28 23.40
N TRP C 98 9.64 14.13 22.15
CA TRP C 98 11.04 14.22 21.71
C TRP C 98 11.14 14.59 20.22
N ARG C 99 12.37 14.94 19.77
CA ARG C 99 12.72 15.30 18.39
C ARG C 99 13.93 14.50 17.99
N ALA C 100 13.90 13.86 16.83
CA ALA C 100 14.98 13.03 16.32
C ALA C 100 15.35 13.48 14.93
N ASN C 101 16.65 13.65 14.66
CA ASN C 101 17.17 14.08 13.37
C ASN C 101 17.02 12.96 12.36
N VAL C 102 16.28 13.21 11.27
CA VAL C 102 16.05 12.21 10.23
C VAL C 102 16.18 12.81 8.82
N THR C 103 16.36 11.95 7.82
CA THR C 103 16.37 12.24 6.39
C THR C 103 15.44 11.20 5.75
N LEU C 104 14.41 11.68 5.04
CA LEU C 104 13.46 10.83 4.33
C LEU C 104 13.69 10.94 2.83
N ASN C 105 13.39 9.88 2.10
CA ASN C 105 13.39 9.97 0.66
C ASN C 105 11.93 10.13 0.30
N LEU C 106 11.66 10.95 -0.71
CA LEU C 106 10.31 11.22 -1.14
C LEU C 106 10.19 10.85 -2.57
N MET C 107 9.00 10.39 -2.94
CA MET C 107 8.67 10.11 -4.32
C MET C 107 7.25 10.37 -4.65
N LYS C 108 7.06 11.20 -5.68
CA LYS C 108 5.74 11.52 -6.18
C LYS C 108 5.56 10.53 -7.30
N VAL C 109 4.56 9.66 -7.17
CA VAL C 109 4.26 8.62 -8.18
C VAL C 109 2.81 8.86 -8.58
N ASP C 110 2.56 9.32 -9.82
CA ASP C 110 1.21 9.66 -10.27
C ASP C 110 0.57 10.62 -9.24
N ASP C 111 -0.63 10.34 -8.74
CA ASP C 111 -1.23 11.22 -7.74
C ASP C 111 -1.01 10.78 -6.28
N TRP C 112 0.17 10.20 -5.99
CA TRP C 112 0.54 9.70 -4.65
C TRP C 112 1.86 10.30 -4.21
N LEU C 113 2.03 10.48 -2.90
CA LEU C 113 3.30 10.86 -2.33
C LEU C 113 3.80 9.71 -1.44
N VAL C 114 5.00 9.19 -1.72
CA VAL C 114 5.59 8.11 -0.93
C VAL C 114 6.69 8.70 -0.07
N LEU C 115 6.66 8.40 1.24
CA LEU C 115 7.72 8.74 2.20
C LEU C 115 8.46 7.43 2.48
N SER C 116 9.79 7.44 2.38
CA SER C 116 10.59 6.25 2.59
C SER C 116 11.60 6.51 3.70
N PHE C 117 11.44 5.80 4.82
CA PHE C 117 12.28 5.86 6.00
C PHE C 117 13.31 4.77 5.96
N SER C 118 14.56 5.12 6.25
CA SER C 118 15.65 4.16 6.42
C SER C 118 15.59 3.71 7.88
N GLN C 119 16.41 2.75 8.27
CA GLN C 119 16.45 2.29 9.65
C GLN C 119 16.74 3.44 10.61
N MET C 120 16.16 3.41 11.81
CA MET C 120 16.44 4.47 12.78
C MET C 120 16.32 3.97 14.21
N THR C 121 17.01 4.65 15.11
CA THR C 121 17.01 4.39 16.53
C THR C 121 16.46 5.62 17.19
N THR C 122 15.39 5.47 17.94
CA THR C 122 14.78 6.60 18.64
C THR C 122 14.65 6.25 20.11
N ASN C 123 14.33 7.25 20.92
CA ASN C 123 14.02 7.09 22.32
C ASN C 123 12.71 6.29 22.42
N SER C 124 12.33 5.89 23.64
CA SER C 124 11.12 5.13 23.89
C SER C 124 9.86 5.92 23.56
N ILE C 125 8.73 5.21 23.36
CA ILE C 125 7.45 5.79 23.01
C ILE C 125 6.39 5.25 23.94
N MET C 126 5.23 5.91 24.02
CA MET C 126 4.10 5.42 24.80
C MET C 126 3.31 4.38 23.96
N ALA C 127 2.27 3.75 24.54
CA ALA C 127 1.46 2.74 23.83
C ALA C 127 0.87 3.30 22.51
N ASP C 128 0.48 4.58 22.51
CA ASP C 128 -0.02 5.34 21.35
C ASP C 128 0.57 6.74 21.43
N GLY C 129 0.38 7.52 20.38
CA GLY C 129 0.92 8.87 20.28
C GLY C 129 0.95 9.33 18.84
N LYS C 130 1.63 10.44 18.57
CA LYS C 130 1.66 10.94 17.20
C LYS C 130 3.02 11.44 16.78
N PHE C 131 3.29 11.34 15.49
CA PHE C 131 4.53 11.79 14.89
C PHE C 131 4.17 12.92 13.95
N VAL C 132 5.01 13.96 13.96
CA VAL C 132 4.84 15.15 13.15
C VAL C 132 6.12 15.37 12.35
N ILE C 133 5.95 15.57 11.03
CA ILE C 133 7.01 15.90 10.06
C ILE C 133 6.68 17.32 9.60
N ASN C 134 7.60 18.26 9.86
CA ASN C 134 7.41 19.65 9.50
C ASN C 134 8.10 19.91 8.17
N PHE C 135 7.33 19.98 7.11
CA PHE C 135 7.84 20.22 5.75
C PHE C 135 8.05 21.71 5.43
N VAL C 136 7.84 22.60 6.43
CA VAL C 136 8.07 24.05 6.28
C VAL C 136 9.53 24.32 5.86
N SER C 137 10.48 23.50 6.36
CA SER C 137 11.87 23.57 5.93
C SER C 137 12.42 22.15 5.72
N GLY C 138 13.55 22.05 5.03
CA GLY C 138 14.24 20.79 4.85
C GLY C 138 14.05 20.12 3.52
N LEU C 139 13.11 20.60 2.69
CA LEU C 139 12.86 19.96 1.41
C LEU C 139 13.99 20.23 0.46
N SER C 140 14.35 19.24 -0.35
CA SER C 140 15.39 19.38 -1.36
C SER C 140 14.91 20.35 -2.48
N SER C 141 15.83 20.82 -3.32
CA SER C 141 15.52 21.80 -4.38
C SER C 141 14.52 21.27 -5.39
N GLY C 142 13.61 22.14 -5.78
CA GLY C 142 12.55 21.78 -6.73
C GLY C 142 11.26 21.49 -6.02
N TRP C 143 11.32 21.25 -4.71
CA TRP C 143 10.16 20.92 -3.89
C TRP C 143 9.73 22.08 -3.09
N GLN C 144 8.42 22.28 -3.03
CA GLN C 144 7.83 23.33 -2.20
C GLN C 144 7.04 22.64 -1.13
N THR C 145 6.82 23.32 0.00
CA THR C 145 6.06 22.77 1.13
C THR C 145 4.68 22.28 0.71
N GLY C 146 4.02 23.06 -0.16
CA GLY C 146 2.70 22.78 -0.71
C GLY C 146 2.61 21.48 -1.47
N ASP C 147 3.75 20.97 -2.00
CA ASP C 147 3.82 19.71 -2.74
C ASP C 147 3.55 18.48 -1.89
N THR C 148 3.54 18.62 -0.54
CA THR C 148 3.30 17.50 0.39
C THR C 148 1.85 17.48 0.91
N GLU C 149 1.02 18.46 0.49
CA GLU C 149 -0.36 18.56 0.93
C GLU C 149 -1.24 17.42 0.39
N PRO C 150 -1.96 16.67 1.25
CA PRO C 150 -2.86 15.59 0.78
C PRO C 150 -4.01 16.15 -0.04
N SER C 151 -4.62 15.32 -0.88
CA SER C 151 -5.69 15.78 -1.76
C SER C 151 -7.07 15.54 -1.20
N SER C 152 -7.13 15.11 0.07
CA SER C 152 -8.39 14.85 0.79
C SER C 152 -8.16 15.06 2.25
N THR C 153 -9.24 15.26 3.00
CA THR C 153 -9.25 15.45 4.47
C THR C 153 -9.78 14.17 5.15
N ILE C 154 -10.02 13.09 4.39
CA ILE C 154 -10.43 11.81 5.00
C ILE C 154 -9.35 11.33 6.00
N ASP C 155 -9.76 10.80 7.16
CA ASP C 155 -8.86 10.34 8.21
C ASP C 155 -9.23 8.89 8.66
N PRO C 156 -8.33 7.89 8.50
CA PRO C 156 -6.98 7.96 7.93
C PRO C 156 -7.01 7.96 6.39
N LEU C 157 -6.01 8.63 5.80
CA LEU C 157 -5.83 8.67 4.35
C LEU C 157 -5.17 7.38 3.93
N SER C 158 -4.31 6.86 4.82
CA SER C 158 -3.53 5.66 4.57
C SER C 158 -2.99 5.12 5.88
N THR C 159 -2.86 3.80 5.96
CA THR C 159 -2.25 3.17 7.13
C THR C 159 -1.21 2.20 6.65
N THR C 160 -0.16 2.04 7.44
CA THR C 160 0.90 1.08 7.24
C THR C 160 1.42 0.58 8.58
N PHE C 161 2.23 -0.46 8.54
CA PHE C 161 2.84 -1.04 9.71
C PHE C 161 4.33 -0.81 9.63
N ALA C 162 4.92 -0.54 10.75
CA ALA C 162 6.36 -0.37 10.89
C ALA C 162 6.79 -1.50 11.83
N ALA C 163 7.86 -2.23 11.48
CA ALA C 163 8.43 -3.29 12.30
C ALA C 163 9.46 -2.64 13.21
N VAL C 164 9.40 -2.97 14.51
CA VAL C 164 10.32 -2.39 15.48
C VAL C 164 10.88 -3.46 16.40
N GLN C 165 11.93 -3.09 17.11
CA GLN C 165 12.45 -3.88 18.22
C GLN C 165 12.46 -2.94 19.40
N PHE C 166 11.78 -3.32 20.46
CA PHE C 166 11.78 -2.56 21.71
C PHE C 166 12.97 -3.10 22.54
N LEU C 167 13.85 -2.21 22.98
CA LEU C 167 15.03 -2.55 23.75
C LEU C 167 14.74 -2.36 25.22
N ASN C 168 14.90 -3.43 25.99
CA ASN C 168 14.62 -3.36 27.42
C ASN C 168 15.80 -3.94 28.20
N ASN C 169 16.90 -3.11 28.29
CA ASN C 169 18.17 -3.45 28.95
C ASN C 169 18.71 -4.81 28.46
N GLY C 170 19.38 -4.77 27.31
CA GLY C 170 19.98 -5.95 26.70
C GLY C 170 19.08 -6.71 25.75
N GLN C 171 17.81 -6.98 26.16
CA GLN C 171 16.88 -7.75 25.31
C GLN C 171 16.16 -6.93 24.22
N ARG C 172 16.09 -7.50 22.99
CA ARG C 172 15.42 -6.90 21.85
C ARG C 172 14.06 -7.63 21.66
N ILE C 173 12.95 -6.89 21.75
CA ILE C 173 11.61 -7.49 21.61
C ILE C 173 10.98 -7.01 20.30
N ASP C 174 10.83 -7.94 19.32
CA ASP C 174 10.22 -7.66 18.02
C ASP C 174 8.73 -7.32 18.20
N ALA C 175 8.27 -6.27 17.53
CA ALA C 175 6.89 -5.81 17.64
C ALA C 175 6.53 -5.00 16.39
N PHE C 176 5.31 -4.48 16.35
CA PHE C 176 4.88 -3.64 15.23
C PHE C 176 4.17 -2.43 15.77
N ARG C 177 4.07 -1.42 14.90
CA ARG C 177 3.43 -0.13 15.14
C ARG C 177 2.56 0.12 13.93
N ILE C 178 1.29 0.44 14.15
CA ILE C 178 0.39 0.83 13.07
C ILE C 178 0.49 2.37 13.00
N MET C 179 0.74 2.89 11.79
CA MET C 179 0.89 4.34 11.52
C MET C 179 -0.19 4.76 10.51
N GLY C 180 -0.88 5.84 10.81
CA GLY C 180 -1.90 6.38 9.93
C GLY C 180 -1.67 7.82 9.56
N VAL C 181 -1.70 8.16 8.24
CA VAL C 181 -1.56 9.54 7.78
C VAL C 181 -2.89 10.15 8.16
N SER C 182 -2.83 11.14 9.02
CA SER C 182 -4.04 11.65 9.62
C SER C 182 -4.44 13.08 9.29
N GLU C 183 -3.46 13.98 9.16
CA GLU C 183 -3.71 15.40 8.98
C GLU C 183 -2.49 16.11 8.42
N TRP C 184 -2.72 17.27 7.79
CA TRP C 184 -1.69 18.16 7.29
C TRP C 184 -2.17 19.57 7.60
N THR C 185 -1.36 20.35 8.27
CA THR C 185 -1.73 21.70 8.65
C THR C 185 -0.54 22.61 8.45
N ASP C 186 -0.67 23.55 7.50
CA ASP C 186 0.35 24.54 7.16
C ASP C 186 1.77 23.96 7.05
N GLY C 187 1.90 22.89 6.27
CA GLY C 187 3.19 22.22 6.08
C GLY C 187 3.56 21.12 7.05
N GLU C 188 2.81 20.94 8.14
CA GLU C 188 3.07 19.93 9.17
C GLU C 188 2.21 18.69 8.96
N LEU C 189 2.85 17.56 8.62
CA LEU C 189 2.16 16.30 8.42
C LEU C 189 2.08 15.51 9.74
N GLU C 190 0.88 15.04 10.08
CA GLU C 190 0.66 14.26 11.28
C GLU C 190 0.40 12.81 10.95
N ILE C 191 1.22 11.95 11.53
CA ILE C 191 1.11 10.51 11.40
C ILE C 191 0.79 9.99 12.80
N LYS C 192 -0.42 9.47 12.97
CA LYS C 192 -0.83 8.96 14.26
C LYS C 192 -0.35 7.53 14.42
N ASN C 193 0.12 7.19 15.62
CA ASN C 193 0.48 5.81 15.89
C ASN C 193 -0.61 5.30 16.82
N TYR C 194 -1.60 4.56 16.27
CA TYR C 194 -2.77 4.06 17.05
C TYR C 194 -2.41 3.05 18.12
N GLY C 195 -1.34 2.31 17.89
CA GLY C 195 -0.86 1.26 18.77
C GLY C 195 -0.06 0.21 18.05
N GLY C 196 -0.32 -1.03 18.43
CA GLY C 196 0.33 -2.24 17.95
C GLY C 196 0.79 -3.03 19.16
N THR C 197 1.72 -3.94 18.99
CA THR C 197 2.23 -4.72 20.10
C THR C 197 3.18 -3.86 20.91
N TYR C 198 3.18 -4.09 22.23
CA TYR C 198 3.90 -3.22 23.12
C TYR C 198 4.44 -3.94 24.33
N THR C 199 5.59 -3.44 24.82
CA THR C 199 6.26 -3.89 26.03
C THR C 199 7.03 -2.69 26.55
N GLY C 200 7.25 -2.64 27.87
CA GLY C 200 8.03 -1.59 28.50
C GLY C 200 9.42 -1.60 27.91
N HIS C 201 9.95 -0.43 27.57
CA HIS C 201 11.28 -0.40 26.91
C HIS C 201 11.99 0.90 27.18
N THR C 202 13.26 0.98 26.81
CA THR C 202 14.06 2.17 27.00
C THR C 202 14.44 2.84 25.65
N GLN C 203 14.37 2.07 24.53
CA GLN C 203 14.79 2.53 23.21
C GLN C 203 14.09 1.74 22.10
N VAL C 204 13.97 2.34 20.90
CA VAL C 204 13.27 1.70 19.78
C VAL C 204 14.19 1.63 18.57
N TYR C 205 14.31 0.45 17.96
CA TYR C 205 15.05 0.23 16.71
C TYR C 205 13.96 0.02 15.66
N TRP C 206 13.89 0.91 14.66
CA TRP C 206 12.85 0.86 13.64
C TRP C 206 13.46 0.29 12.39
N ALA C 207 12.84 -0.75 11.79
CA ALA C 207 13.35 -1.26 10.50
C ALA C 207 12.91 -0.21 9.42
N PRO C 208 13.43 -0.23 8.17
CA PRO C 208 12.93 0.71 7.16
C PRO C 208 11.45 0.48 6.85
N TRP C 209 10.74 1.54 6.44
CA TRP C 209 9.32 1.46 6.10
C TRP C 209 8.97 2.58 5.16
N THR C 210 7.90 2.38 4.42
CA THR C 210 7.35 3.39 3.53
C THR C 210 5.92 3.62 3.91
N ILE C 211 5.42 4.83 3.65
CA ILE C 211 4.02 5.16 3.83
C ILE C 211 3.73 6.11 2.67
N MET C 212 2.50 6.03 2.14
CA MET C 212 2.10 6.89 1.05
C MET C 212 0.70 7.40 1.26
N TYR C 213 0.36 8.52 0.60
CA TYR C 213 -0.98 9.09 0.69
C TYR C 213 -1.32 9.84 -0.61
N PRO C 214 -2.62 9.97 -0.93
CA PRO C 214 -3.01 10.69 -2.15
C PRO C 214 -2.58 12.12 -1.99
N CYS C 215 -1.90 12.61 -3.01
CA CYS C 215 -1.30 13.92 -3.07
C CYS C 215 -1.28 14.26 -4.57
N ASN C 216 -2.16 15.15 -5.03
CA ASN C 216 -2.24 15.52 -6.46
C ASN C 216 -1.80 16.96 -6.78
#